data_3NG1
#
_entry.id   3NG1
#
_cell.length_a   73.310
_cell.length_b   99.010
_cell.length_c   99.830
_cell.angle_alpha   90.00
_cell.angle_beta   90.00
_cell.angle_gamma   90.00
#
_symmetry.space_group_name_H-M   'P 21 21 21'
#
loop_
_entity.id
_entity.type
_entity.pdbx_description
1 polymer 'SIGNAL SEQUENCE RECOGNITION PROTEIN FFH'
2 non-polymer 'CADMIUM ION'
3 non-polymer 'SULFATE ION'
4 non-polymer 1,2-ETHANEDIOL
5 water water
#
_entity_poly.entity_id   1
_entity_poly.type   'polypeptide(L)'
_entity_poly.pdbx_seq_one_letter_code
;MFQQLSARLQEAIGRLRGRGRITEEDLKATLREIRRALMDADVNLEVARDFVERVREEALGKQVLESLTPAEVILATVYE
ALKEALGGEARLPVLKDRNLWFLVGLQGSGKTTTAAKLALYYKGKGRRPLLVAADTQRPAAREQLRLLGEKVGVPVLEVM
DGESPESIRRRVEEKARLEARDLILVDTAGRLQIDEPLMGELARLKEVLGPDEVLLVLDAMTGQEALSVARAFDEKVGVT
GLVLTKLDGDARGGAALSARHVTGKPIYFAGVSEKPEGLEPFYPERLAGRILGM
;
_entity_poly.pdbx_strand_id   A,B
#
loop_
_chem_comp.id
_chem_comp.type
_chem_comp.name
_chem_comp.formula
CD non-polymer 'CADMIUM ION' 'Cd 2'
EDO non-polymer 1,2-ETHANEDIOL 'C2 H6 O2'
SO4 non-polymer 'SULFATE ION' 'O4 S -2'
#
# COMPACT_ATOMS: atom_id res chain seq x y z
N MET A 1 2.11 8.03 -8.66
CA MET A 1 3.50 7.63 -9.04
C MET A 1 4.05 6.61 -8.05
N PHE A 2 4.84 5.67 -8.58
CA PHE A 2 5.44 4.63 -7.77
C PHE A 2 4.34 3.75 -7.17
N GLN A 3 3.38 3.40 -8.02
CA GLN A 3 2.25 2.57 -7.62
C GLN A 3 2.73 1.23 -7.12
N GLN A 4 3.67 0.65 -7.85
CA GLN A 4 4.25 -0.64 -7.49
C GLN A 4 4.90 -0.54 -6.12
N LEU A 5 5.84 0.40 -6.00
CA LEU A 5 6.56 0.60 -4.75
C LEU A 5 5.61 0.91 -3.60
N SER A 6 4.68 1.83 -3.82
CA SER A 6 3.71 2.21 -2.81
C SER A 6 2.96 1.00 -2.27
N ALA A 7 2.34 0.25 -3.18
CA ALA A 7 1.58 -0.92 -2.80
C ALA A 7 2.43 -1.89 -1.97
N ARG A 8 3.60 -2.23 -2.50
CA ARG A 8 4.49 -3.16 -1.83
C ARG A 8 4.89 -2.72 -0.43
N LEU A 9 5.28 -1.46 -0.30
CA LEU A 9 5.69 -0.95 1.00
C LEU A 9 4.57 -1.07 2.02
N GLN A 10 3.37 -0.69 1.61
CA GLN A 10 2.20 -0.75 2.48
C GLN A 10 1.79 -2.17 2.81
N GLU A 11 2.01 -3.09 1.88
CA GLU A 11 1.67 -4.49 2.10
C GLU A 11 2.65 -5.13 3.06
N ALA A 12 3.92 -4.75 2.96
CA ALA A 12 4.94 -5.30 3.83
C ALA A 12 4.72 -4.78 5.25
N ILE A 13 4.40 -3.50 5.38
CA ILE A 13 4.19 -2.87 6.68
C ILE A 13 2.91 -3.37 7.37
N GLY A 14 1.88 -3.64 6.56
CA GLY A 14 0.63 -4.10 7.11
C GLY A 14 0.69 -5.48 7.73
N ARG A 15 1.69 -6.28 7.34
CA ARG A 15 1.85 -7.62 7.89
C ARG A 15 2.07 -7.56 9.40
N LEU A 16 2.48 -6.39 9.89
CA LEU A 16 2.73 -6.20 11.31
C LEU A 16 1.54 -5.56 11.99
N ARG A 17 0.47 -5.34 11.25
CA ARG A 17 -0.71 -4.70 11.80
C ARG A 17 -1.85 -5.63 12.23
N GLY A 18 -2.53 -5.22 13.30
CA GLY A 18 -3.67 -5.95 13.81
C GLY A 18 -3.45 -7.37 14.27
N ARG A 19 -2.32 -7.64 14.91
CA ARG A 19 -2.07 -8.99 15.38
C ARG A 19 -1.22 -8.99 16.65
N GLY A 20 -1.47 -8.00 17.50
CA GLY A 20 -0.74 -7.89 18.74
C GLY A 20 0.74 -7.65 18.54
N ARG A 21 1.51 -7.86 19.60
CA ARG A 21 2.96 -7.66 19.52
C ARG A 21 3.56 -8.61 18.50
N ILE A 22 4.57 -8.12 17.79
CA ILE A 22 5.24 -8.93 16.78
C ILE A 22 6.60 -9.33 17.32
N THR A 23 7.19 -10.33 16.70
CA THR A 23 8.49 -10.83 17.11
C THR A 23 9.57 -10.22 16.24
N GLU A 24 10.82 -10.60 16.50
CA GLU A 24 11.94 -10.12 15.72
C GLU A 24 11.87 -10.68 14.32
N GLU A 25 11.39 -11.91 14.22
CA GLU A 25 11.24 -12.58 12.94
C GLU A 25 10.10 -11.99 12.14
N ASP A 26 9.06 -11.52 12.84
CA ASP A 26 7.92 -10.89 12.19
C ASP A 26 8.45 -9.61 11.57
N LEU A 27 9.27 -8.90 12.34
CA LEU A 27 9.88 -7.66 11.88
C LEU A 27 10.80 -7.91 10.71
N LYS A 28 11.66 -8.91 10.83
CA LYS A 28 12.61 -9.25 9.77
C LYS A 28 11.90 -9.64 8.46
N ALA A 29 10.81 -10.38 8.56
CA ALA A 29 10.08 -10.79 7.37
C ALA A 29 9.64 -9.55 6.59
N THR A 30 9.13 -8.57 7.32
CA THR A 30 8.68 -7.31 6.74
C THR A 30 9.85 -6.51 6.15
N LEU A 31 10.97 -6.46 6.87
CA LEU A 31 12.16 -5.75 6.43
C LEU A 31 12.66 -6.30 5.10
N ARG A 32 12.61 -7.61 4.94
CA ARG A 32 13.05 -8.25 3.70
C ARG A 32 12.17 -7.83 2.54
N GLU A 33 10.86 -7.74 2.79
CA GLU A 33 9.94 -7.35 1.72
C GLU A 33 10.20 -5.91 1.33
N ILE A 34 10.54 -5.09 2.31
CA ILE A 34 10.83 -3.69 2.05
C ILE A 34 12.07 -3.64 1.16
N ARG A 35 13.10 -4.38 1.53
CA ARG A 35 14.34 -4.44 0.76
C ARG A 35 14.02 -4.86 -0.67
N ARG A 36 13.34 -6.00 -0.80
CA ARG A 36 12.94 -6.55 -2.09
C ARG A 36 12.19 -5.51 -2.91
N ALA A 37 11.36 -4.72 -2.23
CA ALA A 37 10.55 -3.69 -2.89
C ALA A 37 11.44 -2.60 -3.46
N LEU A 38 12.37 -2.12 -2.66
CA LEU A 38 13.30 -1.10 -3.08
C LEU A 38 14.13 -1.61 -4.26
N MET A 39 14.54 -2.87 -4.18
CA MET A 39 15.35 -3.46 -5.24
C MET A 39 14.58 -3.54 -6.54
N ASP A 40 13.30 -3.89 -6.44
CA ASP A 40 12.45 -3.99 -7.63
C ASP A 40 12.09 -2.64 -8.24
N ALA A 41 12.24 -1.58 -7.46
CA ALA A 41 11.95 -0.22 -7.94
C ALA A 41 13.20 0.42 -8.53
N ASP A 42 14.22 -0.40 -8.80
CA ASP A 42 15.48 0.06 -9.36
C ASP A 42 16.12 1.12 -8.47
N VAL A 43 16.08 0.89 -7.17
CA VAL A 43 16.67 1.84 -6.23
C VAL A 43 18.16 1.56 -6.03
N ASN A 44 18.95 2.63 -5.91
CA ASN A 44 20.40 2.52 -5.71
C ASN A 44 20.70 1.59 -4.53
N LEU A 45 21.63 0.68 -4.73
CA LEU A 45 22.02 -0.28 -3.71
C LEU A 45 22.40 0.30 -2.35
N GLU A 46 23.28 1.30 -2.33
CA GLU A 46 23.70 1.91 -1.07
C GLU A 46 22.47 2.55 -0.39
N VAL A 47 21.66 3.21 -1.19
CA VAL A 47 20.45 3.86 -0.70
C VAL A 47 19.51 2.83 -0.06
N ALA A 48 19.31 1.72 -0.75
CA ALA A 48 18.43 0.64 -0.28
C ALA A 48 18.95 0.02 1.01
N ARG A 49 20.27 -0.11 1.12
CA ARG A 49 20.88 -0.68 2.31
C ARG A 49 20.64 0.24 3.49
N ASP A 50 21.06 1.49 3.32
CA ASP A 50 20.90 2.49 4.36
C ASP A 50 19.44 2.61 4.77
N PHE A 51 18.57 2.59 3.76
CA PHE A 51 17.13 2.68 3.97
C PHE A 51 16.69 1.64 5.00
N VAL A 52 16.77 0.38 4.60
CA VAL A 52 16.38 -0.72 5.46
C VAL A 52 17.13 -0.70 6.80
N GLU A 53 18.42 -0.34 6.78
CA GLU A 53 19.19 -0.32 8.01
C GLU A 53 18.60 0.58 9.07
N ARG A 54 18.29 1.83 8.70
CA ARG A 54 17.73 2.78 9.67
C ARG A 54 16.29 2.46 10.05
N VAL A 55 15.55 1.82 9.14
CA VAL A 55 14.17 1.46 9.43
C VAL A 55 14.15 0.48 10.60
N ARG A 56 15.05 -0.50 10.55
CA ARG A 56 15.13 -1.52 11.60
C ARG A 56 15.66 -0.95 12.91
N GLU A 57 16.78 -0.26 12.83
CA GLU A 57 17.40 0.30 14.03
C GLU A 57 16.52 1.35 14.71
N GLU A 58 15.96 2.27 13.93
CA GLU A 58 15.10 3.30 14.49
C GLU A 58 13.85 2.67 15.08
N ALA A 59 13.36 1.64 14.42
CA ALA A 59 12.17 0.94 14.88
C ALA A 59 12.46 0.23 16.19
N LEU A 60 13.57 -0.49 16.24
CA LEU A 60 13.95 -1.20 17.44
C LEU A 60 14.13 -0.17 18.57
N GLY A 61 14.80 0.93 18.25
CA GLY A 61 15.04 1.97 19.24
C GLY A 61 13.78 2.61 19.78
N LYS A 62 12.64 2.34 19.12
CA LYS A 62 11.36 2.88 19.55
C LYS A 62 10.55 1.74 20.18
N GLN A 63 11.27 0.72 20.65
CA GLN A 63 10.66 -0.46 21.29
C GLN A 63 9.54 -1.08 20.47
N VAL A 64 9.75 -1.17 19.16
CA VAL A 64 8.76 -1.73 18.27
C VAL A 64 8.35 -3.16 18.66
N LEU A 65 9.27 -3.92 19.27
CA LEU A 65 8.98 -5.29 19.64
C LEU A 65 8.13 -5.41 20.92
N GLU A 66 7.91 -4.28 21.57
CA GLU A 66 7.08 -4.26 22.78
C GLU A 66 5.87 -3.37 22.53
N SER A 67 5.79 -2.82 21.32
CA SER A 67 4.70 -1.95 20.94
C SER A 67 3.42 -2.72 20.63
N LEU A 68 2.29 -2.11 20.97
CA LEU A 68 0.99 -2.71 20.70
C LEU A 68 0.53 -2.29 19.30
N THR A 69 1.21 -1.30 18.74
CA THR A 69 0.90 -0.80 17.40
C THR A 69 2.21 -0.76 16.60
N PRO A 70 2.86 -1.94 16.43
CA PRO A 70 4.13 -2.08 15.71
C PRO A 70 4.12 -1.53 14.29
N ALA A 71 3.10 -1.88 13.53
CA ALA A 71 3.00 -1.43 12.16
C ALA A 71 3.05 0.10 12.09
N GLU A 72 2.45 0.76 13.08
CA GLU A 72 2.43 2.21 13.12
C GLU A 72 3.84 2.76 13.37
N VAL A 73 4.60 2.08 14.22
CA VAL A 73 5.96 2.50 14.53
C VAL A 73 6.80 2.36 13.25
N ILE A 74 6.65 1.21 12.61
CA ILE A 74 7.37 0.90 11.39
C ILE A 74 7.02 1.88 10.28
N LEU A 75 5.75 2.25 10.22
CA LEU A 75 5.30 3.18 9.19
C LEU A 75 6.03 4.51 9.37
N ALA A 76 6.22 4.89 10.62
CA ALA A 76 6.91 6.13 10.92
C ALA A 76 8.39 6.07 10.55
N THR A 77 9.06 4.96 10.85
CA THR A 77 10.48 4.82 10.52
C THR A 77 10.69 4.72 9.02
N VAL A 78 9.74 4.11 8.32
CA VAL A 78 9.84 3.96 6.87
C VAL A 78 9.68 5.34 6.23
N TYR A 79 8.78 6.14 6.78
CA TYR A 79 8.52 7.48 6.26
C TYR A 79 9.79 8.33 6.34
N GLU A 80 10.49 8.20 7.45
CA GLU A 80 11.73 8.94 7.67
C GLU A 80 12.85 8.50 6.73
N ALA A 81 12.96 7.20 6.50
CA ALA A 81 13.98 6.68 5.60
C ALA A 81 13.67 7.19 4.19
N LEU A 82 12.40 7.28 3.86
CA LEU A 82 11.94 7.75 2.55
C LEU A 82 12.21 9.25 2.42
N LYS A 83 11.90 9.99 3.48
CA LYS A 83 12.12 11.43 3.48
C LYS A 83 13.58 11.75 3.24
N GLU A 84 14.48 10.96 3.83
CA GLU A 84 15.91 11.18 3.65
C GLU A 84 16.29 10.97 2.20
N ALA A 85 15.93 9.79 1.70
CA ALA A 85 16.24 9.41 0.32
C ALA A 85 15.77 10.44 -0.69
N LEU A 86 14.66 11.11 -0.41
CA LEU A 86 14.12 12.11 -1.33
C LEU A 86 14.69 13.51 -1.14
N GLY A 87 15.49 13.71 -0.10
CA GLY A 87 16.09 15.02 0.09
C GLY A 87 15.77 15.74 1.39
N GLY A 88 15.01 15.11 2.27
CA GLY A 88 14.67 15.74 3.53
C GLY A 88 13.71 16.90 3.38
N GLU A 89 14.25 18.11 3.44
CA GLU A 89 13.45 19.32 3.30
C GLU A 89 13.46 19.79 1.85
N ALA A 90 12.34 20.35 1.41
CA ALA A 90 12.18 20.83 0.04
C ALA A 90 12.94 22.13 -0.19
N ARG A 91 13.38 22.34 -1.43
CA ARG A 91 14.09 23.57 -1.79
C ARG A 91 13.87 23.95 -3.25
N LEU A 92 13.97 25.25 -3.50
CA LEU A 92 13.82 25.80 -4.84
C LEU A 92 14.88 26.89 -4.97
N PRO A 93 15.24 27.25 -6.21
CA PRO A 93 16.25 28.29 -6.37
C PRO A 93 15.84 29.57 -5.63
N VAL A 94 16.81 30.27 -5.08
CA VAL A 94 16.51 31.53 -4.39
C VAL A 94 16.57 32.59 -5.48
N LEU A 95 15.44 33.22 -5.76
CA LEU A 95 15.40 34.23 -6.82
C LEU A 95 15.88 35.59 -6.35
N LYS A 96 16.49 36.32 -7.28
CA LYS A 96 17.00 37.65 -7.01
C LYS A 96 16.28 38.57 -8.01
N ASP A 97 16.70 39.82 -8.10
CA ASP A 97 16.06 40.75 -9.02
C ASP A 97 16.31 40.33 -10.48
N ARG A 98 17.51 39.84 -10.74
CA ARG A 98 17.86 39.38 -12.07
C ARG A 98 18.27 37.92 -11.94
N ASN A 99 17.59 37.04 -12.68
CA ASN A 99 17.90 35.61 -12.62
C ASN A 99 18.08 35.01 -14.02
N LEU A 100 19.17 34.28 -14.20
CA LEU A 100 19.42 33.62 -15.48
C LEU A 100 19.72 32.16 -15.18
N TRP A 101 18.90 31.27 -15.71
CA TRP A 101 19.07 29.84 -15.47
C TRP A 101 19.33 29.07 -16.76
N PHE A 102 20.09 27.99 -16.63
CA PHE A 102 20.41 27.11 -17.75
C PHE A 102 19.62 25.83 -17.56
N LEU A 103 18.98 25.36 -18.62
CA LEU A 103 18.25 24.09 -18.56
C LEU A 103 19.08 23.17 -19.42
N VAL A 104 19.72 22.19 -18.79
CA VAL A 104 20.57 21.26 -19.51
C VAL A 104 20.07 19.83 -19.41
N GLY A 105 20.48 19.00 -20.38
CA GLY A 105 20.07 17.63 -20.40
C GLY A 105 20.13 17.05 -21.80
N LEU A 106 19.78 15.78 -21.94
CA LEU A 106 19.80 15.12 -23.24
C LEU A 106 18.51 15.44 -23.98
N GLN A 107 18.55 15.34 -25.30
CA GLN A 107 17.37 15.59 -26.11
C GLN A 107 16.39 14.46 -25.82
N GLY A 108 15.16 14.82 -25.47
CA GLY A 108 14.16 13.80 -25.19
C GLY A 108 13.95 13.60 -23.70
N SER A 109 14.73 14.31 -22.89
CA SER A 109 14.62 14.19 -21.44
C SER A 109 13.48 15.07 -20.93
N GLY A 110 12.95 15.90 -21.81
CA GLY A 110 11.87 16.79 -21.43
C GLY A 110 12.37 18.21 -21.20
N LYS A 111 13.66 18.40 -21.47
CA LYS A 111 14.32 19.69 -21.29
C LYS A 111 13.64 20.90 -21.91
N THR A 112 13.40 20.86 -23.21
CA THR A 112 12.77 22.00 -23.88
C THR A 112 11.40 22.36 -23.30
N THR A 113 10.55 21.35 -23.16
CA THR A 113 9.22 21.56 -22.61
C THR A 113 9.28 22.08 -21.18
N THR A 114 10.18 21.53 -20.38
CA THR A 114 10.34 21.94 -18.99
C THR A 114 10.62 23.44 -18.95
N ALA A 115 11.45 23.89 -19.88
CA ALA A 115 11.80 25.29 -19.97
C ALA A 115 10.52 26.11 -20.03
N ALA A 116 9.63 25.71 -20.93
CA ALA A 116 8.36 26.41 -21.11
C ALA A 116 7.46 26.33 -19.88
N LYS A 117 7.29 25.13 -19.34
CA LYS A 117 6.45 24.95 -18.17
C LYS A 117 7.00 25.76 -17.00
N LEU A 118 8.32 25.80 -16.89
CA LEU A 118 8.98 26.57 -15.83
C LEU A 118 8.67 28.06 -16.01
N ALA A 119 8.67 28.50 -17.27
CA ALA A 119 8.39 29.89 -17.61
C ALA A 119 6.96 30.20 -17.20
N LEU A 120 6.05 29.29 -17.52
CA LEU A 120 4.65 29.46 -17.17
C LEU A 120 4.47 29.51 -15.66
N TYR A 121 5.16 28.62 -14.95
CA TYR A 121 5.06 28.55 -13.49
C TYR A 121 5.43 29.87 -12.82
N TYR A 122 6.63 30.37 -13.09
CA TYR A 122 7.06 31.60 -12.47
C TYR A 122 6.30 32.81 -12.99
N LYS A 123 5.80 32.70 -14.20
CA LYS A 123 5.01 33.79 -14.79
C LYS A 123 3.79 33.94 -13.89
N GLY A 124 3.20 32.81 -13.51
CA GLY A 124 2.04 32.82 -12.64
C GLY A 124 2.37 33.21 -11.22
N LYS A 125 3.66 33.38 -10.94
CA LYS A 125 4.11 33.77 -9.60
C LYS A 125 4.58 35.23 -9.57
N GLY A 126 4.28 35.98 -10.62
CA GLY A 126 4.67 37.39 -10.64
C GLY A 126 6.04 37.71 -11.22
N ARG A 127 6.52 36.87 -12.13
CA ARG A 127 7.81 37.10 -12.76
C ARG A 127 7.55 37.37 -14.24
N ARG A 128 8.52 38.00 -14.89
CA ARG A 128 8.43 38.30 -16.32
C ARG A 128 9.56 37.51 -16.94
N PRO A 129 9.32 36.22 -17.20
CA PRO A 129 10.36 35.39 -17.78
C PRO A 129 10.59 35.57 -19.28
N LEU A 130 11.77 35.16 -19.71
CA LEU A 130 12.16 35.22 -21.10
C LEU A 130 12.85 33.90 -21.44
N LEU A 131 12.27 33.21 -22.42
CA LEU A 131 12.84 31.94 -22.86
C LEU A 131 13.86 32.23 -23.96
N VAL A 132 15.01 31.58 -23.86
CA VAL A 132 16.06 31.75 -24.84
C VAL A 132 16.38 30.36 -25.41
N ALA A 133 16.20 30.21 -26.72
CA ALA A 133 16.50 28.95 -27.39
C ALA A 133 17.97 29.04 -27.80
N ALA A 134 18.85 28.48 -26.98
CA ALA A 134 20.29 28.56 -27.23
C ALA A 134 20.95 27.58 -28.21
N ASP A 135 20.17 26.76 -28.91
CA ASP A 135 20.77 25.82 -29.86
C ASP A 135 21.11 26.56 -31.15
N THR A 136 22.40 26.73 -31.42
CA THR A 136 22.86 27.43 -32.60
C THR A 136 23.08 26.54 -33.83
N GLN A 137 22.90 25.24 -33.67
CA GLN A 137 23.09 24.32 -34.79
C GLN A 137 21.78 23.82 -35.37
N ARG A 138 20.81 23.52 -34.50
CA ARG A 138 19.53 23.00 -34.96
C ARG A 138 18.38 24.01 -34.92
N PRO A 139 17.94 24.47 -36.09
CA PRO A 139 16.83 25.43 -36.16
C PRO A 139 15.52 24.78 -35.74
N ALA A 140 15.49 23.45 -35.80
CA ALA A 140 14.30 22.69 -35.41
C ALA A 140 14.08 22.87 -33.91
N ALA A 141 15.14 22.66 -33.15
CA ALA A 141 15.08 22.79 -31.71
C ALA A 141 14.54 24.16 -31.34
N ARG A 142 15.15 25.19 -31.92
CA ARG A 142 14.73 26.55 -31.64
C ARG A 142 13.24 26.78 -31.94
N GLU A 143 12.73 26.16 -32.99
CA GLU A 143 11.33 26.32 -33.36
C GLU A 143 10.39 25.68 -32.35
N GLN A 144 10.81 24.53 -31.82
CA GLN A 144 10.01 23.82 -30.83
C GLN A 144 9.68 24.74 -29.65
N LEU A 145 10.70 25.41 -29.13
CA LEU A 145 10.53 26.33 -28.01
C LEU A 145 9.71 27.54 -28.43
N ARG A 146 9.99 28.05 -29.62
CA ARG A 146 9.27 29.20 -30.16
C ARG A 146 7.77 28.90 -30.08
N LEU A 147 7.39 27.70 -30.50
CA LEU A 147 6.00 27.28 -30.48
C LEU A 147 5.50 27.15 -29.05
N LEU A 148 6.37 26.66 -28.17
CA LEU A 148 6.02 26.46 -26.77
C LEU A 148 5.83 27.81 -26.07
N GLY A 149 6.65 28.78 -26.43
CA GLY A 149 6.57 30.10 -25.83
C GLY A 149 5.22 30.76 -26.01
N GLU A 150 4.69 30.75 -27.24
CA GLU A 150 3.40 31.36 -27.50
C GLU A 150 2.30 30.57 -26.83
N LYS A 151 2.48 29.26 -26.77
CA LYS A 151 1.51 28.38 -26.14
C LYS A 151 1.35 28.74 -24.65
N VAL A 152 2.45 29.13 -24.00
CA VAL A 152 2.40 29.51 -22.59
C VAL A 152 2.45 31.03 -22.39
N GLY A 153 2.48 31.77 -23.49
CA GLY A 153 2.50 33.22 -23.42
C GLY A 153 3.76 33.85 -22.83
N VAL A 154 4.92 33.37 -23.25
CA VAL A 154 6.20 33.91 -22.78
C VAL A 154 7.13 34.13 -23.98
N PRO A 155 7.76 35.32 -24.08
CA PRO A 155 8.66 35.62 -25.19
C PRO A 155 9.80 34.62 -25.34
N VAL A 156 10.20 34.36 -26.59
CA VAL A 156 11.28 33.43 -26.88
C VAL A 156 12.30 34.06 -27.83
N LEU A 157 13.48 34.36 -27.33
CA LEU A 157 14.52 34.94 -28.17
C LEU A 157 15.30 33.76 -28.74
N GLU A 158 15.45 33.73 -30.05
CA GLU A 158 16.16 32.64 -30.71
C GLU A 158 17.56 33.06 -31.14
N VAL A 159 18.55 32.24 -30.79
CA VAL A 159 19.92 32.53 -31.18
C VAL A 159 20.01 32.22 -32.66
N MET A 160 20.94 32.86 -33.35
CA MET A 160 21.13 32.63 -34.78
C MET A 160 22.11 31.48 -34.94
N ASP A 161 22.10 30.85 -36.11
CA ASP A 161 23.00 29.73 -36.37
C ASP A 161 24.47 30.10 -36.21
N GLY A 162 25.17 29.36 -35.36
CA GLY A 162 26.58 29.64 -35.13
C GLY A 162 26.86 30.92 -34.35
N GLU A 163 25.83 31.43 -33.67
CA GLU A 163 25.98 32.66 -32.88
C GLU A 163 26.92 32.44 -31.71
N SER A 164 27.80 33.41 -31.47
CA SER A 164 28.77 33.32 -30.39
C SER A 164 28.09 33.63 -29.06
N PRO A 165 28.60 33.06 -27.96
CA PRO A 165 27.98 33.31 -26.66
C PRO A 165 27.99 34.80 -26.33
N GLU A 166 29.06 35.47 -26.74
CA GLU A 166 29.23 36.90 -26.51
C GLU A 166 28.08 37.65 -27.16
N SER A 167 27.74 37.26 -28.38
CA SER A 167 26.65 37.88 -29.11
C SER A 167 25.33 37.49 -28.46
N ILE A 168 25.24 36.23 -28.05
CA ILE A 168 24.04 35.72 -27.39
C ILE A 168 23.80 36.52 -26.11
N ARG A 169 24.83 36.68 -25.31
CA ARG A 169 24.73 37.43 -24.07
C ARG A 169 24.22 38.85 -24.33
N ARG A 170 24.76 39.49 -25.36
CA ARG A 170 24.39 40.86 -25.70
C ARG A 170 22.93 41.03 -26.09
N ARG A 171 22.44 40.17 -26.96
CA ARG A 171 21.05 40.26 -27.41
C ARG A 171 20.10 39.87 -26.29
N VAL A 172 20.49 38.87 -25.51
CA VAL A 172 19.67 38.41 -24.40
C VAL A 172 19.58 39.48 -23.31
N GLU A 173 20.73 40.02 -22.91
CA GLU A 173 20.75 41.05 -21.88
C GLU A 173 19.97 42.27 -22.33
N GLU A 174 20.09 42.62 -23.60
CA GLU A 174 19.38 43.78 -24.12
C GLU A 174 17.87 43.59 -24.07
N LYS A 175 17.38 42.46 -24.58
CA LYS A 175 15.96 42.19 -24.60
C LYS A 175 15.36 42.20 -23.20
N ALA A 176 16.05 41.55 -22.26
CA ALA A 176 15.60 41.47 -20.89
C ALA A 176 15.51 42.87 -20.28
N ARG A 177 16.51 43.69 -20.56
CA ARG A 177 16.58 45.07 -20.06
C ARG A 177 15.47 45.95 -20.61
N LEU A 178 15.32 45.96 -21.93
CA LEU A 178 14.31 46.78 -22.58
C LEU A 178 12.89 46.31 -22.35
N GLU A 179 12.73 45.01 -22.11
CA GLU A 179 11.39 44.47 -21.91
C GLU A 179 11.09 44.16 -20.45
N ALA A 180 12.08 44.37 -19.60
CA ALA A 180 11.94 44.14 -18.16
C ALA A 180 11.60 42.69 -17.79
N ARG A 181 12.45 41.76 -18.23
CA ARG A 181 12.28 40.35 -17.93
C ARG A 181 13.21 40.04 -16.75
N ASP A 182 12.68 39.55 -15.64
CA ASP A 182 13.54 39.26 -14.49
C ASP A 182 14.03 37.83 -14.39
N LEU A 183 13.42 36.92 -15.15
CA LEU A 183 13.84 35.51 -15.15
C LEU A 183 14.16 35.10 -16.58
N ILE A 184 15.42 34.77 -16.83
CA ILE A 184 15.86 34.37 -18.16
C ILE A 184 16.13 32.87 -18.13
N LEU A 185 15.37 32.14 -18.92
CA LEU A 185 15.51 30.69 -18.98
C LEU A 185 16.14 30.25 -20.29
N VAL A 186 17.36 29.74 -20.20
CA VAL A 186 18.09 29.31 -21.39
C VAL A 186 18.04 27.80 -21.67
N ASP A 187 17.35 27.44 -22.74
CA ASP A 187 17.25 26.04 -23.16
C ASP A 187 18.51 25.74 -23.98
N THR A 188 19.46 25.04 -23.37
CA THR A 188 20.68 24.73 -24.07
C THR A 188 20.50 23.57 -25.04
N ALA A 189 21.44 23.42 -25.97
CA ALA A 189 21.37 22.35 -26.97
C ALA A 189 21.42 20.99 -26.31
N GLY A 190 20.68 20.04 -26.87
CA GLY A 190 20.66 18.70 -26.34
C GLY A 190 20.75 17.66 -27.44
N ARG A 191 21.48 16.59 -27.16
CA ARG A 191 21.66 15.51 -28.11
C ARG A 191 21.37 14.19 -27.41
N LEU A 192 21.02 13.17 -28.18
CA LEU A 192 20.70 11.85 -27.63
C LEU A 192 21.82 11.29 -26.76
N GLN A 193 23.02 11.81 -26.93
CA GLN A 193 24.17 11.36 -26.14
C GLN A 193 25.05 12.53 -25.77
N ILE A 194 25.80 12.38 -24.69
CA ILE A 194 26.71 13.41 -24.24
C ILE A 194 27.91 13.47 -25.19
N ASP A 195 28.04 14.57 -25.94
CA ASP A 195 29.16 14.71 -26.87
C ASP A 195 30.10 15.81 -26.37
N GLU A 196 31.38 15.46 -26.22
CA GLU A 196 32.40 16.39 -25.74
C GLU A 196 32.37 17.77 -26.36
N PRO A 197 32.22 17.86 -27.69
CA PRO A 197 32.19 19.18 -28.36
C PRO A 197 31.18 20.14 -27.72
N LEU A 198 29.89 19.79 -27.82
CA LEU A 198 28.84 20.62 -27.27
C LEU A 198 29.09 20.96 -25.80
N MET A 199 29.49 19.97 -25.03
CA MET A 199 29.76 20.17 -23.62
C MET A 199 30.77 21.30 -23.45
N GLY A 200 31.74 21.37 -24.35
CA GLY A 200 32.76 22.40 -24.29
C GLY A 200 32.18 23.77 -24.59
N GLU A 201 31.30 23.83 -25.57
CA GLU A 201 30.66 25.09 -25.92
C GLU A 201 29.70 25.45 -24.79
N LEU A 202 29.10 24.44 -24.19
CA LEU A 202 28.17 24.65 -23.09
C LEU A 202 28.91 25.32 -21.94
N ALA A 203 30.11 24.83 -21.65
CA ALA A 203 30.92 25.39 -20.58
C ALA A 203 31.25 26.85 -20.85
N ARG A 204 31.44 27.17 -22.13
CA ARG A 204 31.76 28.53 -22.54
C ARG A 204 30.52 29.41 -22.42
N LEU A 205 29.38 28.86 -22.79
CA LEU A 205 28.13 29.61 -22.69
C LEU A 205 27.91 29.99 -21.22
N LYS A 206 28.15 29.05 -20.33
CA LYS A 206 28.00 29.29 -18.90
C LYS A 206 28.98 30.38 -18.53
N GLU A 207 30.22 30.21 -18.97
CA GLU A 207 31.27 31.17 -18.70
C GLU A 207 30.88 32.58 -19.14
N VAL A 208 30.39 32.70 -20.38
CA VAL A 208 29.98 34.00 -20.90
C VAL A 208 28.70 34.54 -20.26
N LEU A 209 27.71 33.68 -20.05
CA LEU A 209 26.43 34.13 -19.49
C LEU A 209 26.35 34.14 -17.95
N GLY A 210 27.20 33.38 -17.28
CA GLY A 210 27.17 33.35 -15.83
C GLY A 210 25.84 33.03 -15.20
N PRO A 211 25.22 31.88 -15.56
CA PRO A 211 23.92 31.46 -15.00
C PRO A 211 23.91 31.37 -13.48
N ASP A 212 22.79 31.75 -12.88
CA ASP A 212 22.62 31.68 -11.43
C ASP A 212 22.32 30.25 -11.02
N GLU A 213 21.63 29.54 -11.90
CA GLU A 213 21.28 28.14 -11.65
C GLU A 213 21.51 27.35 -12.93
N VAL A 214 21.77 26.06 -12.78
CA VAL A 214 21.97 25.17 -13.92
C VAL A 214 21.14 23.95 -13.58
N LEU A 215 19.99 23.84 -14.25
CA LEU A 215 19.05 22.75 -14.01
C LEU A 215 19.17 21.60 -14.99
N LEU A 216 19.49 20.43 -14.45
CA LEU A 216 19.62 19.23 -15.27
C LEU A 216 18.26 18.53 -15.31
N VAL A 217 17.67 18.47 -16.49
CA VAL A 217 16.37 17.82 -16.67
C VAL A 217 16.55 16.35 -16.97
N LEU A 218 15.91 15.50 -16.16
CA LEU A 218 16.01 14.06 -16.33
C LEU A 218 14.65 13.41 -16.51
N ASP A 219 14.63 12.34 -17.28
CA ASP A 219 13.41 11.57 -17.55
C ASP A 219 13.30 10.46 -16.51
N ALA A 220 12.58 10.74 -15.42
CA ALA A 220 12.40 9.79 -14.33
C ALA A 220 12.05 8.39 -14.79
N MET A 221 11.41 8.30 -15.96
CA MET A 221 11.01 7.02 -16.50
C MET A 221 12.18 6.11 -16.83
N THR A 222 13.32 6.71 -17.19
CA THR A 222 14.51 5.93 -17.54
C THR A 222 15.17 5.29 -16.30
N GLY A 223 14.47 5.37 -15.17
CA GLY A 223 14.98 4.78 -13.94
C GLY A 223 16.30 5.30 -13.41
N GLN A 224 17.01 4.44 -12.68
CA GLN A 224 18.31 4.76 -12.09
C GLN A 224 19.30 5.26 -13.14
N GLU A 225 19.24 4.67 -14.33
CA GLU A 225 20.13 5.04 -15.41
C GLU A 225 20.07 6.53 -15.70
N ALA A 226 18.88 7.12 -15.59
CA ALA A 226 18.70 8.55 -15.85
C ALA A 226 19.78 9.39 -15.18
N LEU A 227 20.23 8.94 -14.01
CA LEU A 227 21.24 9.66 -13.24
C LEU A 227 22.65 9.61 -13.81
N SER A 228 22.90 8.64 -14.70
CA SER A 228 24.21 8.47 -15.31
C SER A 228 24.82 9.77 -15.86
N VAL A 229 24.08 10.46 -16.70
CA VAL A 229 24.56 11.70 -17.32
C VAL A 229 24.94 12.80 -16.35
N ALA A 230 24.26 12.84 -15.20
CA ALA A 230 24.47 13.85 -14.19
C ALA A 230 25.93 14.27 -13.95
N ARG A 231 26.78 13.29 -13.64
CA ARG A 231 28.19 13.56 -13.37
C ARG A 231 28.91 14.27 -14.51
N ALA A 232 28.59 13.89 -15.75
CA ALA A 232 29.20 14.51 -16.92
C ALA A 232 28.91 16.00 -16.93
N PHE A 233 27.63 16.35 -16.88
CA PHE A 233 27.19 17.74 -16.90
C PHE A 233 27.77 18.57 -15.74
N ASP A 234 27.78 18.00 -14.54
CA ASP A 234 28.29 18.71 -13.38
C ASP A 234 29.80 18.90 -13.42
N GLU A 235 30.52 17.90 -13.92
CA GLU A 235 31.97 17.99 -13.99
C GLU A 235 32.44 18.96 -15.07
N LYS A 236 31.69 19.03 -16.16
CA LYS A 236 32.05 19.92 -17.27
C LYS A 236 31.37 21.28 -17.21
N VAL A 237 30.15 21.33 -16.68
CA VAL A 237 29.40 22.58 -16.61
C VAL A 237 29.14 23.08 -15.19
N GLY A 238 28.56 22.24 -14.36
CA GLY A 238 28.27 22.63 -12.99
C GLY A 238 26.78 22.75 -12.74
N VAL A 239 26.18 21.65 -12.30
CA VAL A 239 24.75 21.61 -12.05
C VAL A 239 24.40 22.09 -10.65
N THR A 240 23.31 22.85 -10.53
CA THR A 240 22.87 23.37 -9.23
C THR A 240 21.62 22.66 -8.70
N GLY A 241 20.86 22.02 -9.58
CA GLY A 241 19.66 21.33 -9.14
C GLY A 241 19.14 20.41 -10.21
N LEU A 242 18.15 19.59 -9.86
CA LEU A 242 17.57 18.62 -10.78
C LEU A 242 16.10 18.84 -11.06
N VAL A 243 15.64 18.27 -12.16
CA VAL A 243 14.25 18.35 -12.56
C VAL A 243 13.89 16.99 -13.13
N LEU A 244 13.03 16.25 -12.43
CA LEU A 244 12.62 14.92 -12.90
C LEU A 244 11.29 15.01 -13.62
N THR A 245 11.30 14.62 -14.89
CA THR A 245 10.10 14.65 -15.72
C THR A 245 9.45 13.27 -15.83
N LYS A 246 8.15 13.26 -16.09
CA LYS A 246 7.39 12.03 -16.24
C LYS A 246 7.33 11.17 -14.99
N LEU A 247 7.13 11.82 -13.85
CA LEU A 247 7.04 11.14 -12.56
C LEU A 247 5.67 10.46 -12.46
N ASP A 248 4.69 11.04 -13.14
CA ASP A 248 3.34 10.49 -13.15
C ASP A 248 3.32 9.19 -13.97
N GLY A 249 4.34 8.99 -14.78
CA GLY A 249 4.41 7.79 -15.59
C GLY A 249 5.38 6.76 -15.02
N ASP A 250 6.03 7.12 -13.92
CA ASP A 250 6.98 6.24 -13.26
C ASP A 250 6.30 5.38 -12.19
N ALA A 251 6.43 4.07 -12.31
CA ALA A 251 5.82 3.16 -11.36
C ALA A 251 6.82 2.72 -10.29
N ARG A 252 8.10 2.79 -10.64
CA ARG A 252 9.16 2.40 -9.72
C ARG A 252 9.51 3.53 -8.76
N GLY A 253 10.32 4.47 -9.23
CA GLY A 253 10.72 5.57 -8.39
C GLY A 253 12.19 5.54 -8.09
N GLY A 254 12.90 4.61 -8.73
CA GLY A 254 14.33 4.48 -8.51
C GLY A 254 15.15 5.75 -8.68
N ALA A 255 14.84 6.54 -9.70
CA ALA A 255 15.58 7.78 -9.95
C ALA A 255 15.36 8.84 -8.88
N ALA A 256 14.12 9.04 -8.48
CA ALA A 256 13.79 10.03 -7.46
C ALA A 256 14.39 9.66 -6.10
N LEU A 257 14.41 8.36 -5.79
CA LEU A 257 14.94 7.89 -4.52
C LEU A 257 16.46 7.83 -4.52
N SER A 258 17.06 7.64 -5.69
CA SER A 258 18.51 7.54 -5.83
C SER A 258 19.21 8.84 -6.21
N ALA A 259 18.46 9.78 -6.78
CA ALA A 259 19.01 11.07 -7.21
C ALA A 259 19.99 11.66 -6.20
N ARG A 260 19.52 11.82 -4.97
CA ARG A 260 20.32 12.39 -3.91
C ARG A 260 21.69 11.73 -3.75
N HIS A 261 21.70 10.42 -3.54
CA HIS A 261 22.94 9.68 -3.35
C HIS A 261 23.84 9.72 -4.57
N VAL A 262 23.26 9.46 -5.73
CA VAL A 262 24.03 9.42 -6.96
C VAL A 262 24.57 10.76 -7.45
N THR A 263 23.73 11.78 -7.47
CA THR A 263 24.14 13.08 -7.97
C THR A 263 24.47 14.14 -6.93
N GLY A 264 23.93 13.95 -5.73
CA GLY A 264 24.17 14.92 -4.69
C GLY A 264 23.54 16.27 -4.99
N LYS A 265 22.69 16.33 -6.01
CA LYS A 265 22.04 17.58 -6.37
C LYS A 265 20.57 17.53 -5.94
N PRO A 266 20.02 18.67 -5.49
CA PRO A 266 18.62 18.72 -5.06
C PRO A 266 17.64 18.70 -6.22
N ILE A 267 16.49 18.06 -6.02
CA ILE A 267 15.44 18.02 -7.04
C ILE A 267 14.54 19.22 -6.79
N TYR A 268 14.64 20.23 -7.64
CA TYR A 268 13.85 21.46 -7.50
C TYR A 268 12.39 21.32 -7.92
N PHE A 269 12.17 20.78 -9.12
CA PHE A 269 10.83 20.62 -9.66
C PHE A 269 10.58 19.19 -10.11
N ALA A 270 9.30 18.89 -10.35
CA ALA A 270 8.90 17.58 -10.79
C ALA A 270 7.84 17.70 -11.87
N GLY A 271 7.98 16.89 -12.92
CA GLY A 271 7.00 16.89 -14.00
C GLY A 271 5.92 15.91 -13.57
N VAL A 272 4.75 16.43 -13.22
CA VAL A 272 3.64 15.60 -12.76
C VAL A 272 2.59 15.25 -13.80
N SER A 273 2.69 15.81 -15.00
CA SER A 273 1.73 15.54 -16.06
C SER A 273 2.10 16.22 -17.36
N GLU A 274 1.49 15.76 -18.46
CA GLU A 274 1.75 16.31 -19.78
C GLU A 274 1.19 17.71 -19.97
N LYS A 275 0.26 18.12 -19.11
CA LYS A 275 -0.34 19.45 -19.20
C LYS A 275 0.70 20.54 -18.91
N PRO A 276 0.51 21.74 -19.50
CA PRO A 276 1.43 22.85 -19.30
C PRO A 276 1.65 23.21 -17.83
N GLU A 277 0.70 22.83 -16.98
CA GLU A 277 0.80 23.10 -15.55
C GLU A 277 1.37 21.87 -14.84
N GLY A 278 1.75 20.87 -15.64
CA GLY A 278 2.29 19.64 -15.09
C GLY A 278 3.72 19.73 -14.60
N LEU A 279 4.04 20.82 -13.92
CA LEU A 279 5.38 21.02 -13.38
C LEU A 279 5.21 21.69 -12.02
N GLU A 280 5.71 21.05 -10.97
CA GLU A 280 5.56 21.65 -9.65
C GLU A 280 6.77 21.45 -8.76
N PRO A 281 6.90 22.26 -7.71
CA PRO A 281 8.03 22.11 -6.81
C PRO A 281 8.03 20.71 -6.22
N PHE A 282 9.22 20.14 -6.05
CA PHE A 282 9.38 18.80 -5.50
C PHE A 282 9.33 18.85 -3.97
N TYR A 283 8.37 18.13 -3.38
CA TYR A 283 8.22 18.10 -1.92
C TYR A 283 8.52 16.70 -1.39
N PRO A 284 9.72 16.50 -0.82
CA PRO A 284 10.13 15.21 -0.26
C PRO A 284 9.17 14.65 0.80
N GLU A 285 8.78 15.50 1.75
CA GLU A 285 7.88 15.09 2.83
C GLU A 285 6.52 14.67 2.28
N ARG A 286 5.96 15.48 1.40
CA ARG A 286 4.68 15.20 0.79
C ARG A 286 4.71 13.89 0.00
N LEU A 287 5.77 13.70 -0.78
CA LEU A 287 5.90 12.49 -1.59
C LEU A 287 6.15 11.25 -0.72
N ALA A 288 6.92 11.40 0.35
CA ALA A 288 7.20 10.30 1.27
C ALA A 288 5.88 9.80 1.85
N GLY A 289 5.05 10.74 2.28
CA GLY A 289 3.77 10.40 2.87
C GLY A 289 2.80 9.77 1.90
N ARG A 290 2.79 10.26 0.66
CA ARG A 290 1.90 9.74 -0.37
C ARG A 290 2.27 8.31 -0.73
N ILE A 291 3.56 8.01 -0.78
CA ILE A 291 4.02 6.66 -1.11
C ILE A 291 3.53 5.69 -0.05
N LEU A 292 3.59 6.13 1.19
CA LEU A 292 3.16 5.33 2.33
C LEU A 292 1.66 5.49 2.56
N GLY A 293 0.96 5.94 1.52
CA GLY A 293 -0.49 6.11 1.59
C GLY A 293 -1.05 6.96 2.72
N MET A 294 -0.29 7.93 3.20
CA MET A 294 -0.79 8.80 4.28
C MET A 294 -1.58 9.96 3.71
N MET B 1 -10.44 -30.09 10.64
CA MET B 1 -10.49 -29.15 9.49
C MET B 1 -9.12 -29.03 8.83
N PHE B 2 -9.13 -28.88 7.51
CA PHE B 2 -7.91 -28.76 6.74
C PHE B 2 -7.11 -30.06 6.87
N GLN B 3 -7.81 -31.18 6.72
CA GLN B 3 -7.20 -32.51 6.83
C GLN B 3 -6.14 -32.68 5.75
N GLN B 4 -6.48 -32.25 4.54
CA GLN B 4 -5.56 -32.34 3.41
C GLN B 4 -4.30 -31.54 3.72
N LEU B 5 -4.49 -30.25 4.02
CA LEU B 5 -3.39 -29.35 4.32
C LEU B 5 -2.56 -29.86 5.49
N SER B 6 -3.25 -30.24 6.58
CA SER B 6 -2.57 -30.75 7.76
C SER B 6 -1.64 -31.91 7.43
N ALA B 7 -2.20 -32.94 6.80
CA ALA B 7 -1.44 -34.12 6.43
C ALA B 7 -0.21 -33.74 5.60
N ARG B 8 -0.44 -32.97 4.54
CA ARG B 8 0.63 -32.57 3.65
C ARG B 8 1.75 -31.82 4.36
N LEU B 9 1.38 -30.84 5.17
CA LEU B 9 2.37 -30.05 5.89
C LEU B 9 3.25 -30.94 6.78
N GLN B 10 2.60 -31.84 7.50
CA GLN B 10 3.31 -32.76 8.39
C GLN B 10 4.16 -33.77 7.64
N GLU B 11 3.73 -34.15 6.45
CA GLU B 11 4.49 -35.10 5.65
C GLU B 11 5.72 -34.43 5.05
N ALA B 12 5.57 -33.17 4.67
CA ALA B 12 6.69 -32.43 4.10
C ALA B 12 7.74 -32.18 5.17
N ILE B 13 7.28 -31.81 6.36
CA ILE B 13 8.17 -31.50 7.47
C ILE B 13 8.89 -32.75 8.00
N GLY B 14 8.18 -33.87 8.01
CA GLY B 14 8.75 -35.11 8.49
C GLY B 14 9.90 -35.63 7.66
N ARG B 15 9.97 -35.22 6.40
CA ARG B 15 11.04 -35.66 5.51
C ARG B 15 12.40 -35.23 6.05
N LEU B 16 12.39 -34.25 6.94
CA LEU B 16 13.61 -33.72 7.54
C LEU B 16 13.87 -34.35 8.90
N ARG B 17 12.99 -35.27 9.30
CA ARG B 17 13.12 -35.90 10.60
C ARG B 17 13.79 -37.26 10.64
N GLY B 18 14.52 -37.51 11.72
CA GLY B 18 15.19 -38.77 11.94
C GLY B 18 16.22 -39.21 10.94
N ARG B 19 17.01 -38.29 10.41
CA ARG B 19 18.03 -38.66 9.45
C ARG B 19 19.24 -37.76 9.54
N GLY B 20 19.59 -37.36 10.77
CA GLY B 20 20.73 -36.51 10.99
C GLY B 20 20.58 -35.15 10.36
N ARG B 21 21.69 -34.43 10.23
CA ARG B 21 21.67 -33.10 9.63
C ARG B 21 21.20 -33.19 8.20
N ILE B 22 20.45 -32.18 7.77
CA ILE B 22 19.93 -32.14 6.41
C ILE B 22 20.72 -31.09 5.65
N THR B 23 20.63 -31.16 4.33
CA THR B 23 21.33 -30.23 3.46
C THR B 23 20.38 -29.14 3.03
N GLU B 24 20.89 -28.20 2.22
CA GLU B 24 20.08 -27.10 1.72
C GLU B 24 19.05 -27.64 0.75
N GLU B 25 19.42 -28.68 0.01
CA GLU B 25 18.54 -29.30 -0.95
C GLU B 25 17.47 -30.11 -0.24
N ASP B 26 17.81 -30.67 0.91
CA ASP B 26 16.85 -31.44 1.71
C ASP B 26 15.80 -30.44 2.17
N LEU B 27 16.27 -29.28 2.61
CA LEU B 27 15.40 -28.21 3.07
C LEU B 27 14.52 -27.70 1.94
N LYS B 28 15.14 -27.44 0.79
CA LYS B 28 14.41 -26.93 -0.36
C LYS B 28 13.33 -27.92 -0.84
N ALA B 29 13.63 -29.21 -0.83
CA ALA B 29 12.65 -30.21 -1.26
C ALA B 29 11.39 -30.09 -0.40
N THR B 30 11.58 -29.94 0.91
CA THR B 30 10.49 -29.80 1.86
C THR B 30 9.74 -28.48 1.65
N LEU B 31 10.48 -27.40 1.41
CA LEU B 31 9.87 -26.08 1.18
C LEU B 31 8.95 -26.10 -0.03
N ARG B 32 9.35 -26.82 -1.08
CA ARG B 32 8.55 -26.91 -2.28
C ARG B 32 7.24 -27.62 -1.99
N GLU B 33 7.31 -28.68 -1.18
CA GLU B 33 6.10 -29.43 -0.83
C GLU B 33 5.15 -28.56 -0.03
N ILE B 34 5.74 -27.73 0.83
CA ILE B 34 4.94 -26.83 1.64
C ILE B 34 4.22 -25.86 0.71
N ARG B 35 4.96 -25.28 -0.23
CA ARG B 35 4.40 -24.35 -1.20
C ARG B 35 3.26 -25.04 -1.95
N ARG B 36 3.56 -26.19 -2.52
CA ARG B 36 2.58 -26.99 -3.27
C ARG B 36 1.34 -27.25 -2.43
N ALA B 37 1.54 -27.49 -1.13
CA ALA B 37 0.46 -27.76 -0.20
C ALA B 37 -0.44 -26.54 -0.06
N LEU B 38 0.18 -25.39 0.17
CA LEU B 38 -0.56 -24.15 0.32
C LEU B 38 -1.33 -23.85 -0.96
N MET B 39 -0.69 -24.10 -2.10
CA MET B 39 -1.32 -23.84 -3.38
C MET B 39 -2.54 -24.73 -3.60
N ASP B 40 -2.43 -25.99 -3.17
CA ASP B 40 -3.53 -26.94 -3.32
C ASP B 40 -4.69 -26.67 -2.34
N ALA B 41 -4.41 -25.91 -1.30
CA ALA B 41 -5.43 -25.57 -0.31
C ALA B 41 -6.13 -24.25 -0.68
N ASP B 42 -5.93 -23.82 -1.93
CA ASP B 42 -6.52 -22.58 -2.43
C ASP B 42 -6.10 -21.39 -1.59
N VAL B 43 -4.83 -21.35 -1.20
CA VAL B 43 -4.33 -20.26 -0.40
C VAL B 43 -3.89 -19.08 -1.28
N ASN B 44 -4.16 -17.86 -0.81
CA ASN B 44 -3.80 -16.65 -1.54
C ASN B 44 -2.32 -16.67 -1.92
N LEU B 45 -2.04 -16.34 -3.17
CA LEU B 45 -0.66 -16.33 -3.67
C LEU B 45 0.35 -15.53 -2.87
N GLU B 46 0.03 -14.28 -2.55
CA GLU B 46 0.94 -13.45 -1.77
C GLU B 46 1.18 -14.09 -0.40
N VAL B 47 0.10 -14.58 0.19
CA VAL B 47 0.17 -15.23 1.50
C VAL B 47 1.10 -16.46 1.44
N ALA B 48 0.92 -17.28 0.40
CA ALA B 48 1.70 -18.49 0.21
C ALA B 48 3.18 -18.18 0.00
N ARG B 49 3.46 -17.08 -0.71
CA ARG B 49 4.83 -16.67 -0.98
C ARG B 49 5.48 -16.25 0.33
N ASP B 50 4.85 -15.31 1.01
CA ASP B 50 5.36 -14.81 2.28
C ASP B 50 5.55 -15.96 3.26
N PHE B 51 4.57 -16.86 3.27
CA PHE B 51 4.59 -18.02 4.15
C PHE B 51 5.91 -18.76 3.99
N VAL B 52 6.09 -19.37 2.82
CA VAL B 52 7.29 -20.12 2.52
C VAL B 52 8.56 -19.28 2.70
N GLU B 53 8.50 -18.00 2.33
CA GLU B 53 9.67 -17.15 2.45
C GLU B 53 10.19 -17.06 3.88
N ARG B 54 9.31 -16.78 4.83
CA ARG B 54 9.75 -16.66 6.22
C ARG B 54 10.09 -18.00 6.86
N VAL B 55 9.47 -19.08 6.37
CA VAL B 55 9.76 -20.40 6.92
C VAL B 55 11.22 -20.74 6.64
N ARG B 56 11.67 -20.45 5.42
CA ARG B 56 13.05 -20.72 5.03
C ARG B 56 14.05 -19.81 5.73
N GLU B 57 13.79 -18.51 5.66
CA GLU B 57 14.68 -17.54 6.26
C GLU B 57 14.78 -17.69 7.78
N GLU B 58 13.64 -17.83 8.45
CA GLU B 58 13.65 -17.98 9.90
C GLU B 58 14.32 -19.29 10.28
N ALA B 59 14.12 -20.31 9.47
CA ALA B 59 14.72 -21.62 9.72
C ALA B 59 16.22 -21.53 9.56
N LEU B 60 16.67 -20.92 8.47
CA LEU B 60 18.10 -20.77 8.23
C LEU B 60 18.70 -19.96 9.38
N GLY B 61 18.01 -18.89 9.75
CA GLY B 61 18.47 -18.03 10.84
C GLY B 61 18.58 -18.74 12.18
N LYS B 62 18.00 -19.92 12.27
CA LYS B 62 18.06 -20.71 13.51
C LYS B 62 19.03 -21.88 13.28
N GLN B 63 19.94 -21.70 12.33
CA GLN B 63 20.95 -22.70 12.00
C GLN B 63 20.37 -24.08 11.75
N VAL B 64 19.25 -24.13 11.05
CA VAL B 64 18.59 -25.38 10.75
C VAL B 64 19.50 -26.37 10.02
N LEU B 65 20.44 -25.87 9.23
CA LEU B 65 21.34 -26.75 8.48
C LEU B 65 22.45 -27.35 9.33
N GLU B 66 22.55 -26.90 10.57
CA GLU B 66 23.56 -27.43 11.48
C GLU B 66 22.86 -28.08 12.68
N SER B 67 21.53 -28.04 12.64
CA SER B 67 20.72 -28.62 13.71
C SER B 67 20.64 -30.13 13.64
N LEU B 68 20.59 -30.76 14.80
CA LEU B 68 20.49 -32.21 14.88
C LEU B 68 19.00 -32.60 14.86
N THR B 69 18.13 -31.61 15.06
CA THR B 69 16.69 -31.81 15.05
C THR B 69 16.08 -30.78 14.09
N PRO B 70 16.47 -30.82 12.81
CA PRO B 70 16.00 -29.90 11.77
C PRO B 70 14.48 -29.84 11.62
N ALA B 71 13.85 -31.00 11.56
CA ALA B 71 12.40 -31.05 11.40
C ALA B 71 11.71 -30.26 12.51
N GLU B 72 12.28 -30.32 13.72
CA GLU B 72 11.70 -29.62 14.85
C GLU B 72 11.83 -28.11 14.67
N VAL B 73 12.95 -27.67 14.12
CA VAL B 73 13.17 -26.25 13.87
C VAL B 73 12.16 -25.78 12.84
N ILE B 74 12.05 -26.55 11.77
CA ILE B 74 11.14 -26.25 10.68
C ILE B 74 9.70 -26.23 11.15
N LEU B 75 9.36 -27.16 12.04
CA LEU B 75 8.01 -27.23 12.56
C LEU B 75 7.68 -25.93 13.28
N ALA B 76 8.67 -25.39 13.99
CA ALA B 76 8.48 -24.15 14.72
C ALA B 76 8.31 -22.96 13.78
N THR B 77 9.11 -22.90 12.72
CA THR B 77 8.99 -21.78 11.77
C THR B 77 7.70 -21.86 10.97
N VAL B 78 7.24 -23.08 10.70
CA VAL B 78 6.00 -23.25 9.95
C VAL B 78 4.83 -22.81 10.83
N TYR B 79 4.91 -23.12 12.12
CA TYR B 79 3.86 -22.76 13.05
C TYR B 79 3.69 -21.25 13.10
N GLU B 80 4.82 -20.54 13.10
CA GLU B 80 4.81 -19.08 13.14
C GLU B 80 4.25 -18.47 11.86
N ALA B 81 4.60 -19.05 10.72
CA ALA B 81 4.10 -18.55 9.44
C ALA B 81 2.58 -18.75 9.42
N LEU B 82 2.12 -19.86 9.98
CA LEU B 82 0.70 -20.20 10.05
C LEU B 82 -0.01 -19.26 11.01
N LYS B 83 0.61 -19.01 12.16
CA LYS B 83 0.02 -18.12 13.15
C LYS B 83 -0.21 -16.73 12.56
N GLU B 84 0.75 -16.26 11.75
CA GLU B 84 0.62 -14.95 11.14
C GLU B 84 -0.56 -14.94 10.19
N ALA B 85 -0.56 -15.89 9.26
CA ALA B 85 -1.61 -16.01 8.26
C ALA B 85 -3.00 -16.04 8.87
N LEU B 86 -3.13 -16.63 10.06
CA LEU B 86 -4.43 -16.73 10.71
C LEU B 86 -4.80 -15.53 11.58
N GLY B 87 -3.87 -14.60 11.75
CA GLY B 87 -4.18 -13.42 12.53
C GLY B 87 -3.35 -13.16 13.77
N GLY B 88 -2.35 -14.00 14.03
CA GLY B 88 -1.50 -13.80 15.19
C GLY B 88 -2.22 -14.08 16.50
N GLU B 89 -2.62 -13.01 17.17
CA GLU B 89 -3.32 -13.13 18.45
C GLU B 89 -4.84 -13.10 18.21
N ALA B 90 -5.56 -13.86 19.02
CA ALA B 90 -7.02 -13.94 18.92
C ALA B 90 -7.70 -12.69 19.43
N ARG B 91 -8.87 -12.39 18.87
CA ARG B 91 -9.64 -11.21 19.31
C ARG B 91 -11.14 -11.42 19.12
N LEU B 92 -11.90 -10.74 19.96
CA LEU B 92 -13.36 -10.78 19.92
C LEU B 92 -13.84 -9.36 20.17
N PRO B 93 -15.07 -9.04 19.76
CA PRO B 93 -15.56 -7.69 19.99
C PRO B 93 -15.47 -7.31 21.47
N VAL B 94 -15.18 -6.05 21.75
CA VAL B 94 -15.11 -5.59 23.13
C VAL B 94 -16.54 -5.19 23.48
N LEU B 95 -17.15 -5.89 24.42
CA LEU B 95 -18.52 -5.58 24.78
C LEU B 95 -18.63 -4.44 25.76
N LYS B 96 -19.72 -3.68 25.64
CA LYS B 96 -20.00 -2.55 26.51
C LYS B 96 -21.34 -2.87 27.17
N ASP B 97 -21.92 -1.90 27.88
CA ASP B 97 -23.19 -2.13 28.54
C ASP B 97 -24.30 -2.32 27.51
N ARG B 98 -24.23 -1.56 26.42
CA ARG B 98 -25.22 -1.67 25.36
C ARG B 98 -24.45 -2.01 24.08
N ASN B 99 -24.80 -3.13 23.46
CA ASN B 99 -24.13 -3.56 22.23
C ASN B 99 -25.12 -3.89 21.12
N LEU B 100 -24.88 -3.35 19.93
CA LEU B 100 -25.74 -3.62 18.79
C LEU B 100 -24.83 -4.04 17.65
N TRP B 101 -25.01 -5.25 17.16
CA TRP B 101 -24.17 -5.76 16.08
C TRP B 101 -24.99 -6.10 14.84
N PHE B 102 -24.35 -5.97 13.67
CA PHE B 102 -24.98 -6.27 12.39
C PHE B 102 -24.34 -7.56 11.88
N LEU B 103 -25.15 -8.49 11.41
CA LEU B 103 -24.64 -9.72 10.84
C LEU B 103 -24.95 -9.57 9.37
N VAL B 104 -23.91 -9.42 8.56
CA VAL B 104 -24.11 -9.24 7.13
C VAL B 104 -23.46 -10.37 6.31
N GLY B 105 -23.95 -10.54 5.09
CA GLY B 105 -23.42 -11.58 4.23
C GLY B 105 -24.45 -12.01 3.20
N LEU B 106 -24.07 -12.95 2.35
CA LEU B 106 -24.98 -13.43 1.32
C LEU B 106 -25.89 -14.49 1.90
N GLN B 107 -27.03 -14.69 1.26
CA GLN B 107 -27.98 -15.70 1.72
C GLN B 107 -27.34 -17.06 1.46
N GLY B 108 -27.28 -17.89 2.49
CA GLY B 108 -26.70 -19.21 2.33
C GLY B 108 -25.29 -19.28 2.88
N SER B 109 -24.78 -18.15 3.35
CA SER B 109 -23.42 -18.10 3.91
C SER B 109 -23.43 -18.58 5.36
N GLY B 110 -24.63 -18.74 5.91
CA GLY B 110 -24.76 -19.19 7.28
C GLY B 110 -25.09 -18.04 8.21
N LYS B 111 -25.31 -16.87 7.60
CA LYS B 111 -25.62 -15.64 8.33
C LYS B 111 -26.75 -15.72 9.35
N THR B 112 -27.94 -16.14 8.91
CA THR B 112 -29.07 -16.21 9.83
C THR B 112 -28.81 -17.13 11.01
N THR B 113 -28.34 -18.34 10.73
CA THR B 113 -28.07 -19.31 11.79
C THR B 113 -26.97 -18.80 12.73
N THR B 114 -25.94 -18.18 12.17
CA THR B 114 -24.85 -17.65 12.98
C THR B 114 -25.41 -16.67 14.00
N ALA B 115 -26.37 -15.86 13.55
CA ALA B 115 -27.00 -14.88 14.42
C ALA B 115 -27.52 -15.60 15.65
N ALA B 116 -28.25 -16.69 15.43
CA ALA B 116 -28.82 -17.46 16.53
C ALA B 116 -27.76 -18.10 17.42
N LYS B 117 -26.78 -18.76 16.81
CA LYS B 117 -25.72 -19.41 17.56
C LYS B 117 -24.95 -18.37 18.37
N LEU B 118 -24.75 -17.19 17.80
CA LEU B 118 -24.06 -16.11 18.47
C LEU B 118 -24.87 -15.67 19.70
N ALA B 119 -26.19 -15.62 19.52
CA ALA B 119 -27.10 -15.24 20.59
C ALA B 119 -27.00 -16.26 21.71
N LEU B 120 -27.00 -17.54 21.35
CA LEU B 120 -26.88 -18.61 22.32
C LEU B 120 -25.54 -18.53 23.06
N TYR B 121 -24.46 -18.28 22.32
CA TYR B 121 -23.13 -18.18 22.91
C TYR B 121 -23.04 -17.13 24.00
N TYR B 122 -23.39 -15.89 23.67
CA TYR B 122 -23.30 -14.82 24.65
C TYR B 122 -24.34 -14.96 25.75
N LYS B 123 -25.45 -15.62 25.43
CA LYS B 123 -26.50 -15.85 26.41
C LYS B 123 -25.86 -16.69 27.51
N GLY B 124 -25.10 -17.71 27.09
CA GLY B 124 -24.42 -18.58 28.02
C GLY B 124 -23.27 -17.90 28.74
N LYS B 125 -22.98 -16.67 28.33
CA LYS B 125 -21.89 -15.90 28.94
C LYS B 125 -22.43 -14.79 29.85
N GLY B 126 -23.71 -14.82 30.15
CA GLY B 126 -24.29 -13.80 31.02
C GLY B 126 -24.82 -12.54 30.34
N ARG B 127 -25.24 -12.67 29.09
CA ARG B 127 -25.80 -11.53 28.36
C ARG B 127 -27.27 -11.83 28.11
N ARG B 128 -28.04 -10.78 27.84
CA ARG B 128 -29.46 -10.91 27.53
C ARG B 128 -29.60 -10.41 26.10
N PRO B 129 -29.30 -11.28 25.14
CA PRO B 129 -29.39 -10.88 23.74
C PRO B 129 -30.79 -10.79 23.17
N LEU B 130 -30.90 -10.05 22.08
CA LEU B 130 -32.15 -9.87 21.36
C LEU B 130 -31.85 -9.98 19.88
N LEU B 131 -32.48 -10.95 19.24
CA LEU B 131 -32.31 -11.14 17.81
C LEU B 131 -33.32 -10.27 17.08
N VAL B 132 -32.85 -9.59 16.04
CA VAL B 132 -33.72 -8.74 15.25
C VAL B 132 -33.62 -9.22 13.80
N ALA B 133 -34.76 -9.63 13.23
CA ALA B 133 -34.81 -10.09 11.85
C ALA B 133 -35.09 -8.83 11.02
N ALA B 134 -34.03 -8.23 10.48
CA ALA B 134 -34.16 -6.99 9.72
C ALA B 134 -34.57 -7.05 8.25
N ASP B 135 -34.93 -8.21 7.72
CA ASP B 135 -35.34 -8.29 6.32
C ASP B 135 -36.80 -7.82 6.19
N THR B 136 -36.98 -6.67 5.56
CA THR B 136 -38.30 -6.08 5.39
C THR B 136 -39.01 -6.50 4.11
N GLN B 137 -38.34 -7.27 3.27
CA GLN B 137 -38.94 -7.71 2.01
C GLN B 137 -39.39 -9.17 2.06
N ARG B 138 -38.56 -10.03 2.65
CA ARG B 138 -38.89 -11.45 2.72
C ARG B 138 -39.36 -11.94 4.08
N PRO B 139 -40.66 -12.25 4.19
CA PRO B 139 -41.24 -12.75 5.45
C PRO B 139 -40.69 -14.15 5.76
N ALA B 140 -40.20 -14.83 4.74
CA ALA B 140 -39.64 -16.16 4.92
C ALA B 140 -38.39 -16.06 5.77
N ALA B 141 -37.50 -15.14 5.39
CA ALA B 141 -36.26 -14.92 6.11
C ALA B 141 -36.55 -14.66 7.58
N ARG B 142 -37.45 -13.73 7.82
CA ARG B 142 -37.82 -13.39 9.19
C ARG B 142 -38.31 -14.59 9.98
N GLU B 143 -39.04 -15.49 9.33
CA GLU B 143 -39.57 -16.67 10.02
C GLU B 143 -38.48 -17.65 10.40
N GLN B 144 -37.48 -17.77 9.54
CA GLN B 144 -36.37 -18.67 9.79
C GLN B 144 -35.72 -18.33 11.13
N LEU B 145 -35.44 -17.05 11.35
CA LEU B 145 -34.82 -16.60 12.59
C LEU B 145 -35.78 -16.77 13.75
N ARG B 146 -37.05 -16.44 13.52
CA ARG B 146 -38.08 -16.58 14.54
C ARG B 146 -38.02 -18.00 15.10
N LEU B 147 -37.93 -18.97 14.19
CA LEU B 147 -37.86 -20.37 14.59
C LEU B 147 -36.56 -20.68 15.31
N LEU B 148 -35.48 -20.05 14.86
CA LEU B 148 -34.16 -20.23 15.45
C LEU B 148 -34.11 -19.65 16.87
N GLY B 149 -34.77 -18.51 17.04
CA GLY B 149 -34.79 -17.86 18.34
C GLY B 149 -35.35 -18.72 19.45
N GLU B 150 -36.50 -19.35 19.20
CA GLU B 150 -37.12 -20.20 20.21
C GLU B 150 -36.28 -21.44 20.43
N LYS B 151 -35.66 -21.92 19.35
CA LYS B 151 -34.81 -23.10 19.43
C LYS B 151 -33.63 -22.85 20.39
N VAL B 152 -33.11 -21.62 20.40
CA VAL B 152 -31.99 -21.28 21.29
C VAL B 152 -32.44 -20.47 22.51
N GLY B 153 -33.75 -20.23 22.61
CA GLY B 153 -34.29 -19.49 23.74
C GLY B 153 -33.91 -18.03 23.83
N VAL B 154 -33.99 -17.31 22.71
CA VAL B 154 -33.67 -15.88 22.67
C VAL B 154 -34.76 -15.15 21.90
N PRO B 155 -35.28 -14.03 22.45
CA PRO B 155 -36.34 -13.27 21.77
C PRO B 155 -35.94 -12.79 20.38
N VAL B 156 -36.92 -12.75 19.47
CA VAL B 156 -36.70 -12.31 18.10
C VAL B 156 -37.73 -11.27 17.69
N LEU B 157 -37.30 -10.03 17.52
CA LEU B 157 -38.21 -8.97 17.11
C LEU B 157 -38.16 -8.95 15.58
N GLU B 158 -39.32 -9.02 14.96
CA GLU B 158 -39.39 -9.03 13.50
C GLU B 158 -39.82 -7.69 12.94
N VAL B 159 -39.07 -7.18 11.97
CA VAL B 159 -39.42 -5.92 11.34
C VAL B 159 -40.62 -6.21 10.47
N MET B 160 -41.42 -5.18 10.21
CA MET B 160 -42.60 -5.33 9.36
C MET B 160 -42.18 -5.08 7.92
N ASP B 161 -42.97 -5.55 6.96
CA ASP B 161 -42.65 -5.38 5.55
C ASP B 161 -42.53 -3.90 5.17
N GLY B 162 -41.39 -3.53 4.60
CA GLY B 162 -41.17 -2.15 4.19
C GLY B 162 -40.98 -1.18 5.35
N GLU B 163 -40.67 -1.72 6.54
CA GLU B 163 -40.46 -0.88 7.72
C GLU B 163 -39.23 -0.01 7.56
N SER B 164 -39.34 1.25 7.96
CA SER B 164 -38.23 2.19 7.84
C SER B 164 -37.22 1.94 8.95
N PRO B 165 -35.93 2.25 8.70
CA PRO B 165 -34.92 2.03 9.73
C PRO B 165 -35.26 2.81 11.00
N GLU B 166 -35.81 4.00 10.81
CA GLU B 166 -36.19 4.88 11.92
C GLU B 166 -37.19 4.17 12.81
N SER B 167 -38.15 3.51 12.18
CA SER B 167 -39.18 2.78 12.91
C SER B 167 -38.54 1.53 13.53
N ILE B 168 -37.64 0.91 12.78
CA ILE B 168 -36.96 -0.29 13.26
C ILE B 168 -36.16 0.07 14.51
N ARG B 169 -35.41 1.15 14.44
CA ARG B 169 -34.61 1.61 15.56
C ARG B 169 -35.48 1.83 16.81
N ARG B 170 -36.63 2.47 16.60
CA ARG B 170 -37.55 2.77 17.70
C ARG B 170 -38.10 1.54 18.40
N ARG B 171 -38.59 0.57 17.63
CA ARG B 171 -39.14 -0.64 18.21
C ARG B 171 -38.06 -1.50 18.85
N VAL B 172 -36.90 -1.54 18.22
CA VAL B 172 -35.78 -2.31 18.71
C VAL B 172 -35.25 -1.72 20.02
N GLU B 173 -35.02 -0.41 20.01
CA GLU B 173 -34.51 0.26 21.21
C GLU B 173 -35.50 0.12 22.36
N GLU B 174 -36.78 0.23 22.05
CA GLU B 174 -37.80 0.11 23.07
C GLU B 174 -37.82 -1.27 23.71
N LYS B 175 -37.85 -2.32 22.89
CA LYS B 175 -37.88 -3.69 23.38
C LYS B 175 -36.67 -3.99 24.26
N ALA B 176 -35.49 -3.59 23.79
CA ALA B 176 -34.26 -3.82 24.51
C ALA B 176 -34.31 -3.14 25.88
N ARG B 177 -34.82 -1.91 25.90
CA ARG B 177 -34.93 -1.11 27.11
C ARG B 177 -35.90 -1.71 28.12
N LEU B 178 -37.11 -2.01 27.67
CA LEU B 178 -38.13 -2.57 28.54
C LEU B 178 -37.85 -3.99 28.98
N GLU B 179 -37.12 -4.74 28.17
CA GLU B 179 -36.82 -6.13 28.50
C GLU B 179 -35.40 -6.33 29.01
N ALA B 180 -34.63 -5.25 29.01
CA ALA B 180 -33.25 -5.29 29.49
C ALA B 180 -32.34 -6.23 28.71
N ARG B 181 -32.27 -6.02 27.40
CA ARG B 181 -31.42 -6.82 26.52
C ARG B 181 -30.14 -6.00 26.29
N ASP B 182 -28.98 -6.55 26.62
CA ASP B 182 -27.74 -5.79 26.46
C ASP B 182 -27.00 -6.05 25.14
N LEU B 183 -27.37 -7.12 24.45
CA LEU B 183 -26.74 -7.46 23.17
C LEU B 183 -27.84 -7.59 22.11
N ILE B 184 -27.80 -6.69 21.14
CA ILE B 184 -28.79 -6.69 20.06
C ILE B 184 -28.12 -7.19 18.80
N LEU B 185 -28.60 -8.32 18.28
CA LEU B 185 -28.03 -8.91 17.09
C LEU B 185 -28.97 -8.77 15.90
N VAL B 186 -28.57 -7.95 14.94
CA VAL B 186 -29.39 -7.71 13.76
C VAL B 186 -29.01 -8.52 12.51
N ASP B 187 -29.89 -9.45 12.14
CA ASP B 187 -29.70 -10.28 10.96
C ASP B 187 -30.20 -9.46 9.77
N THR B 188 -29.28 -8.90 9.01
CA THR B 188 -29.66 -8.08 7.87
C THR B 188 -30.07 -8.96 6.69
N ALA B 189 -30.76 -8.34 5.72
CA ALA B 189 -31.22 -9.06 4.55
C ALA B 189 -30.04 -9.60 3.74
N GLY B 190 -30.24 -10.78 3.15
CA GLY B 190 -29.19 -11.39 2.36
C GLY B 190 -29.74 -11.96 1.08
N ARG B 191 -28.97 -11.82 0.00
CA ARG B 191 -29.36 -12.33 -1.31
C ARG B 191 -28.20 -13.12 -1.88
N LEU B 192 -28.50 -14.03 -2.80
CA LEU B 192 -27.48 -14.87 -3.42
C LEU B 192 -26.36 -14.07 -4.07
N GLN B 193 -26.63 -12.79 -4.34
CA GLN B 193 -25.62 -11.92 -4.94
C GLN B 193 -25.69 -10.53 -4.34
N ILE B 194 -24.58 -9.82 -4.40
CA ILE B 194 -24.53 -8.46 -3.87
C ILE B 194 -25.30 -7.53 -4.81
N ASP B 195 -26.43 -7.00 -4.35
CA ASP B 195 -27.21 -6.09 -5.17
C ASP B 195 -27.15 -4.67 -4.59
N GLU B 196 -26.74 -3.72 -5.43
CA GLU B 196 -26.60 -2.33 -5.05
C GLU B 196 -27.75 -1.75 -4.23
N PRO B 197 -29.01 -2.03 -4.62
CA PRO B 197 -30.16 -1.51 -3.87
C PRO B 197 -30.08 -1.81 -2.37
N LEU B 198 -30.15 -3.10 -2.03
CA LEU B 198 -30.09 -3.52 -0.65
C LEU B 198 -28.88 -2.95 0.08
N MET B 199 -27.73 -2.98 -0.58
CA MET B 199 -26.52 -2.45 0.03
C MET B 199 -26.75 -1.00 0.46
N GLY B 200 -27.50 -0.26 -0.35
CA GLY B 200 -27.78 1.14 -0.04
C GLY B 200 -28.67 1.27 1.17
N GLU B 201 -29.67 0.40 1.27
CA GLU B 201 -30.56 0.41 2.41
C GLU B 201 -29.79 -0.08 3.62
N LEU B 202 -28.88 -1.01 3.39
CA LEU B 202 -28.06 -1.55 4.46
C LEU B 202 -27.24 -0.42 5.06
N ALA B 203 -26.65 0.40 4.20
CA ALA B 203 -25.84 1.53 4.67
C ALA B 203 -26.67 2.49 5.51
N ARG B 204 -27.94 2.63 5.14
CA ARG B 204 -28.86 3.52 5.86
C ARG B 204 -29.23 2.90 7.20
N LEU B 205 -29.44 1.59 7.20
CA LEU B 205 -29.77 0.90 8.44
C LEU B 205 -28.63 1.11 9.44
N LYS B 206 -27.40 0.97 8.95
CA LYS B 206 -26.23 1.17 9.79
C LYS B 206 -26.27 2.59 10.29
N GLU B 207 -26.48 3.51 9.36
CA GLU B 207 -26.54 4.93 9.67
C GLU B 207 -27.57 5.22 10.77
N VAL B 208 -28.78 4.69 10.61
CA VAL B 208 -29.83 4.90 11.59
C VAL B 208 -29.59 4.15 12.91
N LEU B 209 -29.15 2.90 12.83
CA LEU B 209 -28.93 2.11 14.05
C LEU B 209 -27.56 2.24 14.72
N GLY B 210 -26.56 2.70 13.97
CA GLY B 210 -25.24 2.88 14.56
C GLY B 210 -24.65 1.65 15.24
N PRO B 211 -24.55 0.51 14.51
CA PRO B 211 -24.00 -0.73 15.08
C PRO B 211 -22.58 -0.59 15.62
N ASP B 212 -22.30 -1.27 16.72
CA ASP B 212 -20.98 -1.24 17.34
C ASP B 212 -20.03 -2.15 16.55
N GLU B 213 -20.59 -3.23 16.00
CA GLU B 213 -19.82 -4.17 15.21
C GLU B 213 -20.62 -4.53 13.98
N VAL B 214 -19.91 -4.92 12.92
CA VAL B 214 -20.55 -5.34 11.68
C VAL B 214 -19.81 -6.61 11.30
N LEU B 215 -20.47 -7.75 11.52
CA LEU B 215 -19.89 -9.05 11.26
C LEU B 215 -20.28 -9.67 9.92
N LEU B 216 -19.27 -9.87 9.07
CA LEU B 216 -19.50 -10.46 7.76
C LEU B 216 -19.37 -11.98 7.89
N VAL B 217 -20.47 -12.69 7.66
CA VAL B 217 -20.48 -14.13 7.75
C VAL B 217 -20.11 -14.75 6.40
N LEU B 218 -19.09 -15.61 6.41
CA LEU B 218 -18.62 -16.25 5.18
C LEU B 218 -18.64 -17.77 5.30
N ASP B 219 -18.89 -18.42 4.18
CA ASP B 219 -18.93 -19.88 4.09
C ASP B 219 -17.53 -20.37 3.72
N ALA B 220 -16.73 -20.70 4.74
CA ALA B 220 -15.36 -21.17 4.54
C ALA B 220 -15.23 -22.23 3.45
N MET B 221 -16.30 -22.98 3.23
CA MET B 221 -16.29 -24.03 2.23
C MET B 221 -16.10 -23.50 0.82
N THR B 222 -16.57 -22.29 0.56
CA THR B 222 -16.44 -21.68 -0.76
C THR B 222 -15.01 -21.26 -1.08
N GLY B 223 -14.08 -21.66 -0.22
CA GLY B 223 -12.68 -21.34 -0.42
C GLY B 223 -12.30 -19.88 -0.47
N GLN B 224 -11.22 -19.60 -1.19
CA GLN B 224 -10.69 -18.24 -1.36
C GLN B 224 -11.75 -17.28 -1.89
N GLU B 225 -12.59 -17.80 -2.80
CA GLU B 225 -13.64 -17.00 -3.40
C GLU B 225 -14.54 -16.35 -2.35
N ALA B 226 -14.79 -17.07 -1.26
CA ALA B 226 -15.64 -16.57 -0.18
C ALA B 226 -15.29 -15.13 0.20
N LEU B 227 -14.00 -14.80 0.10
CA LEU B 227 -13.51 -13.46 0.45
C LEU B 227 -13.88 -12.37 -0.53
N SER B 228 -14.25 -12.75 -1.74
CA SER B 228 -14.63 -11.79 -2.78
C SER B 228 -15.60 -10.69 -2.32
N VAL B 229 -16.72 -11.11 -1.75
CA VAL B 229 -17.76 -10.18 -1.30
C VAL B 229 -17.30 -9.19 -0.24
N ALA B 230 -16.35 -9.60 0.58
CA ALA B 230 -15.83 -8.77 1.66
C ALA B 230 -15.65 -7.28 1.35
N ARG B 231 -14.89 -6.98 0.30
CA ARG B 231 -14.63 -5.60 -0.10
C ARG B 231 -15.90 -4.79 -0.38
N ALA B 232 -16.88 -5.44 -1.00
CA ALA B 232 -18.14 -4.76 -1.32
C ALA B 232 -18.81 -4.28 -0.03
N PHE B 233 -19.02 -5.21 0.90
CA PHE B 233 -19.66 -4.90 2.17
C PHE B 233 -18.91 -3.84 2.99
N ASP B 234 -17.59 -3.95 3.04
CA ASP B 234 -16.79 -2.99 3.79
C ASP B 234 -16.76 -1.60 3.17
N GLU B 235 -16.73 -1.55 1.84
CA GLU B 235 -16.70 -0.27 1.14
C GLU B 235 -18.04 0.46 1.21
N LYS B 236 -19.13 -0.30 1.20
CA LYS B 236 -20.46 0.29 1.26
C LYS B 236 -21.06 0.38 2.66
N VAL B 237 -20.70 -0.57 3.52
CA VAL B 237 -21.23 -0.60 4.88
C VAL B 237 -20.18 -0.37 5.97
N GLY B 238 -19.12 -1.17 5.96
CA GLY B 238 -18.08 -1.04 6.96
C GLY B 238 -18.04 -2.23 7.89
N VAL B 239 -17.23 -3.22 7.54
CA VAL B 239 -17.12 -4.43 8.33
C VAL B 239 -16.08 -4.30 9.43
N THR B 240 -16.40 -4.86 10.61
CA THR B 240 -15.49 -4.80 11.75
C THR B 240 -14.81 -6.15 12.05
N GLY B 241 -15.42 -7.23 11.58
CA GLY B 241 -14.84 -8.55 11.84
C GLY B 241 -15.47 -9.60 10.96
N LEU B 242 -14.89 -10.80 10.96
CA LEU B 242 -15.38 -11.90 10.14
C LEU B 242 -15.85 -13.10 10.94
N VAL B 243 -16.66 -13.92 10.28
CA VAL B 243 -17.18 -15.15 10.88
C VAL B 243 -17.15 -16.20 9.79
N LEU B 244 -16.29 -17.19 9.93
CA LEU B 244 -16.20 -18.27 8.94
C LEU B 244 -17.01 -19.47 9.38
N THR B 245 -17.99 -19.84 8.55
CA THR B 245 -18.87 -20.97 8.85
C THR B 245 -18.44 -22.21 8.07
N LYS B 246 -18.79 -23.38 8.61
CA LYS B 246 -18.48 -24.65 7.99
C LYS B 246 -16.99 -24.95 7.86
N LEU B 247 -16.26 -24.63 8.93
CA LEU B 247 -14.82 -24.88 8.97
C LEU B 247 -14.57 -26.37 9.17
N ASP B 248 -15.51 -27.03 9.84
CA ASP B 248 -15.42 -28.46 10.08
C ASP B 248 -15.61 -29.23 8.78
N GLY B 249 -16.17 -28.56 7.78
CA GLY B 249 -16.39 -29.20 6.50
C GLY B 249 -15.36 -28.79 5.46
N ASP B 250 -14.45 -27.91 5.85
CA ASP B 250 -13.39 -27.42 4.96
C ASP B 250 -12.14 -28.27 5.09
N ALA B 251 -11.69 -28.83 3.96
CA ALA B 251 -10.49 -29.66 3.97
C ALA B 251 -9.27 -28.87 3.56
N ARG B 252 -9.48 -27.78 2.83
CA ARG B 252 -8.40 -26.94 2.37
C ARG B 252 -7.97 -25.94 3.45
N GLY B 253 -8.72 -24.86 3.57
CA GLY B 253 -8.38 -23.85 4.57
C GLY B 253 -7.95 -22.55 3.92
N GLY B 254 -8.09 -22.49 2.60
CA GLY B 254 -7.69 -21.29 1.86
C GLY B 254 -8.30 -20.00 2.36
N ALA B 255 -9.60 -20.02 2.72
CA ALA B 255 -10.27 -18.80 3.18
C ALA B 255 -9.77 -18.32 4.53
N ALA B 256 -9.60 -19.24 5.48
CA ALA B 256 -9.12 -18.89 6.81
C ALA B 256 -7.69 -18.36 6.77
N LEU B 257 -6.87 -18.95 5.91
CA LEU B 257 -5.48 -18.54 5.79
C LEU B 257 -5.30 -17.26 4.98
N SER B 258 -6.23 -17.01 4.06
CA SER B 258 -6.19 -15.82 3.20
C SER B 258 -7.00 -14.63 3.70
N ALA B 259 -7.99 -14.90 4.55
CA ALA B 259 -8.86 -13.85 5.09
C ALA B 259 -8.11 -12.59 5.46
N ARG B 260 -7.11 -12.75 6.32
CA ARG B 260 -6.31 -11.62 6.79
C ARG B 260 -5.78 -10.75 5.66
N HIS B 261 -5.03 -11.36 4.74
CA HIS B 261 -4.43 -10.61 3.63
C HIS B 261 -5.47 -9.99 2.71
N VAL B 262 -6.45 -10.79 2.33
CA VAL B 262 -7.49 -10.31 1.42
C VAL B 262 -8.43 -9.26 1.97
N THR B 263 -8.96 -9.47 3.17
CA THR B 263 -9.92 -8.55 3.75
C THR B 263 -9.39 -7.63 4.82
N GLY B 264 -8.28 -8.00 5.43
CA GLY B 264 -7.72 -7.18 6.47
C GLY B 264 -8.62 -7.10 7.69
N LYS B 265 -9.65 -7.94 7.75
CA LYS B 265 -10.55 -7.96 8.90
C LYS B 265 -10.28 -9.18 9.76
N PRO B 266 -10.39 -9.03 11.09
CA PRO B 266 -10.15 -10.15 12.00
C PRO B 266 -11.28 -11.17 12.02
N ILE B 267 -10.94 -12.44 12.18
CA ILE B 267 -11.95 -13.50 12.26
C ILE B 267 -12.30 -13.66 13.74
N TYR B 268 -13.49 -13.19 14.12
CA TYR B 268 -13.94 -13.26 15.51
C TYR B 268 -14.39 -14.65 15.96
N PHE B 269 -15.28 -15.25 15.18
CA PHE B 269 -15.82 -16.56 15.50
C PHE B 269 -15.66 -17.54 14.35
N ALA B 270 -15.85 -18.82 14.67
CA ALA B 270 -15.74 -19.88 13.68
C ALA B 270 -16.86 -20.88 13.88
N GLY B 271 -17.46 -21.31 12.76
CA GLY B 271 -18.52 -22.30 12.81
C GLY B 271 -17.82 -23.64 12.77
N VAL B 272 -17.85 -24.35 13.90
CA VAL B 272 -17.17 -25.64 14.01
C VAL B 272 -18.06 -26.87 13.85
N SER B 273 -19.37 -26.67 13.74
CA SER B 273 -20.30 -27.79 13.59
C SER B 273 -21.74 -27.32 13.39
N GLU B 274 -22.59 -28.22 12.91
CA GLU B 274 -23.98 -27.91 12.66
C GLU B 274 -24.80 -27.73 13.93
N LYS B 275 -24.27 -28.21 15.05
CA LYS B 275 -24.96 -28.09 16.33
C LYS B 275 -25.07 -26.63 16.76
N PRO B 276 -26.12 -26.29 17.54
CA PRO B 276 -26.32 -24.91 18.02
C PRO B 276 -25.12 -24.34 18.78
N GLU B 277 -24.28 -25.23 19.30
CA GLU B 277 -23.10 -24.81 20.04
C GLU B 277 -21.89 -24.82 19.10
N GLY B 278 -22.15 -25.10 17.82
CA GLY B 278 -21.10 -25.15 16.83
C GLY B 278 -20.56 -23.81 16.37
N LEU B 279 -20.36 -22.91 17.32
CA LEU B 279 -19.84 -21.58 17.03
C LEU B 279 -18.92 -21.21 18.18
N GLU B 280 -17.66 -20.95 17.87
CA GLU B 280 -16.73 -20.59 18.93
C GLU B 280 -15.73 -19.53 18.53
N PRO B 281 -15.11 -18.88 19.52
CA PRO B 281 -14.12 -17.84 19.20
C PRO B 281 -13.00 -18.45 18.37
N PHE B 282 -12.50 -17.68 17.40
CA PHE B 282 -11.42 -18.13 16.52
C PHE B 282 -10.07 -17.93 17.20
N TYR B 283 -9.33 -19.02 17.37
CA TYR B 283 -8.01 -18.96 18.01
C TYR B 283 -6.91 -19.31 17.01
N PRO B 284 -6.21 -18.30 16.49
CA PRO B 284 -5.13 -18.51 15.52
C PRO B 284 -4.03 -19.45 16.01
N GLU B 285 -3.56 -19.24 17.24
CA GLU B 285 -2.49 -20.07 17.81
C GLU B 285 -2.92 -21.52 17.95
N ARG B 286 -4.13 -21.73 18.48
CA ARG B 286 -4.68 -23.06 18.67
C ARG B 286 -4.83 -23.78 17.33
N LEU B 287 -5.36 -23.07 16.34
CA LEU B 287 -5.57 -23.65 15.01
C LEU B 287 -4.25 -23.93 14.30
N ALA B 288 -3.27 -23.05 14.47
CA ALA B 288 -1.96 -23.21 13.85
C ALA B 288 -1.34 -24.51 14.36
N GLY B 289 -1.41 -24.70 15.67
CA GLY B 289 -0.86 -25.89 16.29
C GLY B 289 -1.57 -27.18 15.91
N ARG B 290 -2.89 -27.11 15.79
CA ARG B 290 -3.67 -28.28 15.42
C ARG B 290 -3.38 -28.71 13.99
N ILE B 291 -3.18 -27.75 13.09
CA ILE B 291 -2.88 -28.06 11.70
C ILE B 291 -1.55 -28.82 11.63
N LEU B 292 -0.61 -28.36 12.44
CA LEU B 292 0.71 -28.98 12.51
C LEU B 292 0.72 -30.15 13.48
N GLY B 293 -0.47 -30.69 13.75
CA GLY B 293 -0.61 -31.83 14.63
C GLY B 293 -0.01 -31.75 16.03
N MET B 294 0.10 -30.55 16.58
CA MET B 294 0.66 -30.40 17.91
C MET B 294 -0.41 -30.59 18.98
CD CD C . 4.09 -9.82 1.12
CD CD D . 9.45 19.97 7.04
CD CD E . 27.42 5.16 -4.71
S SO4 F . 12.79 17.60 -25.15
O1 SO4 F . 12.38 16.36 -24.52
O2 SO4 F . 14.12 18.04 -24.57
O3 SO4 F . 12.93 17.49 -26.69
O4 SO4 F . 11.69 18.65 -24.94
C1 EDO G . 23.50 17.34 -24.63
O1 EDO G . 22.34 16.50 -24.50
C2 EDO G . 24.71 16.51 -24.94
O2 EDO G . 25.84 17.36 -24.92
C1 EDO H . 16.26 25.27 -28.47
O1 EDO H . 15.19 25.72 -27.62
C2 EDO H . 17.15 24.32 -27.72
O2 EDO H . 18.37 24.98 -27.46
CD CD I . 6.05 -35.76 -0.03
CD CD J . -0.58 -15.73 22.45
CD CD K . -3.36 -9.15 -2.64
S SO4 L . -28.37 -18.52 5.93
O1 SO4 L . -27.32 -19.39 5.45
O2 SO4 L . -27.91 -17.08 5.84
O3 SO4 L . -29.70 -18.67 5.16
O4 SO4 L . -28.73 -18.92 7.38
C1 EDO M . -26.82 -9.36 0.58
O1 EDO M . -26.45 -10.76 0.57
C2 EDO M . -26.64 -8.77 -0.78
O2 EDO M . -26.88 -7.38 -0.69
C1 EDO N . -34.27 -12.24 8.71
O1 EDO N . -33.79 -12.83 9.94
C2 EDO N . -33.11 -11.84 7.85
O2 EDO N . -33.03 -10.43 7.86
#